data_4F56
#
_entry.id   4F56
#
_cell.length_a   52.403
_cell.length_b   66.755
_cell.length_c   156.861
_cell.angle_alpha   90.000
_cell.angle_beta   90.000
_cell.angle_gamma   90.000
#
_symmetry.space_group_name_H-M   'P 21 21 21'
#
loop_
_entity.id
_entity.type
_entity.pdbx_description
1 polymer 'NAD-dependent lysine demalonylase and desuccinylase sirtuin-5, mitochondrial'
2 polymer 'peptide from Histone H3.1'
3 non-polymer 'ZINC ION'
4 non-polymer '3-[(2R,3aR,5R,6R,6aR)-5-({[(S)-{[(S)-{[(2R,3S,4R,5R)-5-(6-amino-9H-purin-9-yl)-3,4-dihydroxytetrahydrofuran-2-yl]methoxy}(hydroxy)phosphoryl]oxy}(hydroxy)phosphoryl]oxy}methyl)-2,6-dihydroxytetrahydrofuro[2,3-d][1,3]oxathiol-2-yl]propanoic acid'
5 water water
#
loop_
_entity_poly.entity_id
_entity_poly.type
_entity_poly.pdbx_seq_one_letter_code
_entity_poly.pdbx_strand_id
1 'polypeptide(L)'
;GSFTARPSSSMADFRKFFAKAKHIVIISGAGVSAESGVPTFRGAGGYWRKWQAQDLATPLAFAHNPSRVWEFYHYRREVM
GSKEPNAGHRAIAECETRLGKQGRRVVVITQNIDELHRKAGTKNLLEIHGSLFKTRCTSCGVVAENYKSPICPALSGKGA
PEPGTQDASIPVEKLPRCEEAGCGGLLRPHVVWFGENLDPAILEEVDRELAHCDLCLVVGTSSVVYPAAMFAPQVAARGV
PVAEFNTETTPATNRFRFHFQGPCGTTLPEALA
;
A,B
2 'polypeptide(L)' KQTARKSTGGKA C,D
#
# COMPACT_ATOMS: atom_id res chain seq x y z
N PRO A 7 14.69 12.58 -16.79
CA PRO A 7 13.52 11.74 -16.55
C PRO A 7 12.32 12.51 -16.00
N SER A 8 11.14 12.05 -16.36
CA SER A 8 9.89 12.68 -15.95
C SER A 8 9.60 12.33 -14.49
N SER A 9 9.02 13.27 -13.76
CA SER A 9 8.50 12.96 -12.43
C SER A 9 6.97 12.91 -12.44
N SER A 10 6.39 12.75 -13.62
CA SER A 10 4.94 12.66 -13.76
C SER A 10 4.36 11.31 -13.36
N MET A 11 3.80 11.26 -12.15
CA MET A 11 3.06 10.09 -11.70
C MET A 11 1.89 9.75 -12.63
N ALA A 12 1.18 10.78 -13.10
CA ALA A 12 0.06 10.57 -13.99
C ALA A 12 0.48 9.90 -15.29
N ASP A 13 1.58 10.35 -15.88
CA ASP A 13 2.09 9.71 -17.10
C ASP A 13 2.51 8.27 -16.85
N PHE A 14 3.19 8.02 -15.74
CA PHE A 14 3.51 6.63 -15.38
C PHE A 14 2.25 5.77 -15.23
N ARG A 15 1.26 6.30 -14.53
CA ARG A 15 0.03 5.53 -14.32
C ARG A 15 -0.75 5.24 -15.60
N LYS A 16 -0.60 6.09 -16.63
CA LYS A 16 -1.20 5.76 -17.92
C LYS A 16 -0.56 4.51 -18.53
N PHE A 17 0.77 4.38 -18.42
CA PHE A 17 1.47 3.17 -18.86
C PHE A 17 1.08 1.99 -17.99
N PHE A 18 1.06 2.22 -16.67
CA PHE A 18 0.70 1.17 -15.72
C PHE A 18 -0.69 0.58 -15.98
N ALA A 19 -1.66 1.45 -16.33
CA ALA A 19 -3.01 0.97 -16.67
C ALA A 19 -3.05 -0.03 -17.84
N LYS A 20 -2.13 0.10 -18.79
CA LYS A 20 -2.13 -0.70 -20.03
C LYS A 20 -1.16 -1.88 -20.03
N ALA A 21 -0.21 -1.89 -19.09
CA ALA A 21 0.91 -2.82 -19.11
C ALA A 21 0.51 -4.28 -18.90
N LYS A 22 1.00 -5.16 -19.79
CA LYS A 22 0.66 -6.59 -19.74
C LYS A 22 1.72 -7.43 -19.01
N HIS A 23 2.92 -6.86 -18.86
CA HIS A 23 4.10 -7.59 -18.39
C HIS A 23 5.04 -6.61 -17.74
N ILE A 24 4.96 -6.53 -16.42
CA ILE A 24 5.75 -5.58 -15.63
C ILE A 24 6.89 -6.31 -14.95
N VAL A 25 8.11 -5.82 -15.14
CA VAL A 25 9.28 -6.26 -14.36
C VAL A 25 9.60 -5.23 -13.26
N ILE A 26 9.73 -5.71 -12.03
CA ILE A 26 10.09 -4.87 -10.88
C ILE A 26 11.44 -5.39 -10.40
N ILE A 27 12.47 -4.54 -10.50
CA ILE A 27 13.82 -4.85 -10.06
C ILE A 27 14.02 -4.20 -8.71
N SER A 28 14.40 -4.96 -7.68
CA SER A 28 14.61 -4.29 -6.39
C SER A 28 16.00 -4.50 -5.79
N GLY A 29 16.38 -3.54 -4.96
CA GLY A 29 17.61 -3.61 -4.18
C GLY A 29 17.30 -3.32 -2.72
N ALA A 30 18.34 -3.07 -1.92
CA ALA A 30 18.24 -3.07 -0.46
C ALA A 30 17.37 -1.89 0.06
N GLY A 31 17.16 -0.89 -0.81
CA GLY A 31 16.32 0.25 -0.47
C GLY A 31 14.84 -0.09 -0.28
N VAL A 32 14.38 -1.14 -0.93
CA VAL A 32 12.99 -1.57 -0.77
C VAL A 32 12.74 -2.16 0.62
N SER A 33 13.81 -2.59 1.30
CA SER A 33 13.69 -3.15 2.67
C SER A 33 14.09 -2.19 3.78
N ALA A 34 14.61 -1.02 3.41
CA ALA A 34 15.07 -0.04 4.39
C ALA A 34 13.95 0.27 5.41
N GLU A 35 12.72 0.40 4.90
CA GLU A 35 11.60 0.75 5.77
C GLU A 35 11.06 -0.37 6.66
N SER A 36 11.60 -1.60 6.51
CA SER A 36 11.39 -2.69 7.48
C SER A 36 12.38 -2.61 8.64
N GLY A 37 13.27 -1.62 8.62
CA GLY A 37 14.27 -1.47 9.67
C GLY A 37 15.50 -2.32 9.38
N VAL A 38 15.83 -2.45 8.09
CA VAL A 38 16.97 -3.24 7.62
C VAL A 38 17.90 -2.26 6.92
N PRO A 39 19.16 -2.16 7.39
CA PRO A 39 20.08 -1.18 6.79
C PRO A 39 20.36 -1.57 5.34
N THR A 40 20.59 -0.59 4.48
CA THR A 40 21.10 -0.88 3.15
C THR A 40 22.59 -1.22 3.24
N PHE A 41 23.21 -1.52 2.10
CA PHE A 41 24.64 -1.90 2.09
C PHE A 41 25.56 -0.72 2.02
N ARG A 42 25.10 0.35 1.36
CA ARG A 42 25.91 1.53 1.11
C ARG A 42 25.46 2.77 1.90
N GLY A 43 24.34 2.64 2.61
CA GLY A 43 23.89 3.73 3.47
C GLY A 43 24.20 3.51 4.95
N ALA A 44 23.59 4.34 5.80
CA ALA A 44 23.57 4.16 7.28
C ALA A 44 24.93 3.83 7.96
N GLY A 45 25.08 2.69 8.65
CA GLY A 45 24.10 1.63 8.80
C GLY A 45 24.62 0.36 8.16
N GLY A 46 25.32 0.54 7.04
CA GLY A 46 25.88 -0.56 6.26
C GLY A 46 27.09 -1.29 6.83
N TYR A 47 27.78 -0.70 7.81
CA TYR A 47 28.96 -1.36 8.41
C TYR A 47 28.59 -2.45 9.39
N TRP A 48 29.36 -3.54 9.38
CA TRP A 48 29.30 -4.61 10.39
C TRP A 48 30.70 -4.71 10.96
N ARG A 49 30.84 -4.42 12.26
CA ARG A 49 32.15 -4.17 12.86
C ARG A 49 32.91 -3.19 11.94
N LYS A 50 34.14 -3.46 11.54
CA LYS A 50 34.84 -2.47 10.71
C LYS A 50 34.61 -2.58 9.20
N TRP A 51 33.79 -3.56 8.78
CA TRP A 51 33.67 -3.88 7.34
C TRP A 51 32.34 -3.55 6.76
N GLN A 52 32.32 -3.27 5.45
CA GLN A 52 31.07 -3.21 4.67
C GLN A 52 30.88 -4.55 3.99
N ALA A 53 29.67 -4.79 3.47
CA ALA A 53 29.35 -6.09 2.89
C ALA A 53 30.31 -6.49 1.76
N GLN A 54 30.73 -5.54 0.92
CA GLN A 54 31.64 -5.89 -0.18
C GLN A 54 32.99 -6.48 0.26
N ASP A 55 33.38 -6.21 1.51
CA ASP A 55 34.63 -6.78 1.97
CA ASP A 55 34.62 -6.70 2.12
C ASP A 55 34.45 -8.13 2.63
N LEU A 56 33.20 -8.52 2.91
CA LEU A 56 32.93 -9.81 3.50
C LEU A 56 32.27 -10.76 2.54
N ALA A 57 31.46 -10.22 1.62
CA ALA A 57 30.72 -11.04 0.68
C ALA A 57 31.63 -11.36 -0.51
N THR A 58 32.64 -12.18 -0.26
CA THR A 58 33.68 -12.52 -1.24
C THR A 58 34.24 -13.89 -0.88
N PRO A 59 34.49 -14.72 -1.89
CA PRO A 59 35.05 -16.05 -1.63
C PRO A 59 36.46 -16.00 -1.02
N LEU A 60 37.18 -14.89 -1.20
CA LEU A 60 38.48 -14.71 -0.55
C LEU A 60 38.35 -14.47 0.94
N ALA A 61 37.37 -13.68 1.38
CA ALA A 61 37.15 -13.56 2.83
C ALA A 61 36.80 -14.92 3.39
N PHE A 62 35.96 -15.68 2.67
CA PHE A 62 35.51 -16.97 3.19
C PHE A 62 36.64 -18.02 3.20
N ALA A 63 37.47 -18.01 2.17
CA ALA A 63 38.63 -18.91 2.10
C ALA A 63 39.57 -18.69 3.28
N HIS A 64 39.78 -17.42 3.68
CA HIS A 64 40.81 -17.10 4.68
C HIS A 64 40.33 -16.79 6.08
N ASN A 65 39.02 -16.59 6.24
CA ASN A 65 38.46 -16.36 7.55
C ASN A 65 36.96 -16.74 7.53
N PRO A 66 36.70 -18.05 7.37
CA PRO A 66 35.31 -18.47 7.25
C PRO A 66 34.52 -18.18 8.53
N SER A 67 35.19 -18.18 9.68
CA SER A 67 34.49 -17.83 10.92
C SER A 67 33.96 -16.37 10.91
N ARG A 68 34.79 -15.43 10.49
CA ARG A 68 34.33 -14.05 10.37
C ARG A 68 33.14 -13.90 9.39
N VAL A 69 33.24 -14.55 8.22
CA VAL A 69 32.16 -14.44 7.24
C VAL A 69 30.88 -15.08 7.81
N TRP A 70 31.03 -16.23 8.45
CA TRP A 70 29.85 -16.82 9.11
C TRP A 70 29.27 -15.97 10.21
N GLU A 71 30.12 -15.28 10.98
CA GLU A 71 29.60 -14.39 12.04
C GLU A 71 28.72 -13.30 11.44
N PHE A 72 29.14 -12.76 10.30
CA PHE A 72 28.44 -11.69 9.61
C PHE A 72 27.09 -12.17 9.11
N TYR A 73 27.08 -13.30 8.41
CA TYR A 73 25.83 -13.88 7.91
C TYR A 73 24.93 -14.35 9.04
N HIS A 74 25.50 -14.91 10.10
CA HIS A 74 24.68 -15.24 11.27
C HIS A 74 23.97 -14.02 11.86
N TYR A 75 24.72 -12.94 12.06
CA TYR A 75 24.13 -11.72 12.55
C TYR A 75 22.97 -11.30 11.66
N ARG A 76 23.18 -11.30 10.34
CA ARG A 76 22.11 -10.88 9.44
C ARG A 76 20.90 -11.80 9.50
N ARG A 77 21.14 -13.11 9.63
CA ARG A 77 20.03 -14.06 9.69
C ARG A 77 19.17 -13.79 10.92
N GLU A 78 19.85 -13.58 12.05
CA GLU A 78 19.15 -13.43 13.33
C GLU A 78 18.37 -12.12 13.38
N VAL A 79 18.98 -11.05 12.86
CA VAL A 79 18.29 -9.75 12.73
C VAL A 79 17.05 -9.87 11.85
N MET A 80 17.20 -10.53 10.70
CA MET A 80 16.15 -10.62 9.70
C MET A 80 14.95 -11.45 10.14
N GLY A 81 15.18 -12.41 11.03
CA GLY A 81 14.08 -13.24 11.53
C GLY A 81 12.87 -12.45 12.02
N SER A 82 13.11 -11.32 12.69
CA SER A 82 12.02 -10.56 13.29
C SER A 82 11.44 -9.48 12.36
N LYS A 83 12.06 -9.29 11.20
CA LYS A 83 11.63 -8.22 10.30
C LYS A 83 10.39 -8.54 9.48
N GLU A 84 9.60 -7.50 9.19
CA GLU A 84 8.33 -7.70 8.54
C GLU A 84 8.29 -6.96 7.21
N PRO A 85 7.53 -7.47 6.23
CA PRO A 85 7.38 -6.67 5.01
C PRO A 85 6.82 -5.26 5.30
N ASN A 86 7.27 -4.29 4.53
CA ASN A 86 6.78 -2.92 4.65
C ASN A 86 5.80 -2.60 3.51
N ALA A 87 5.29 -1.38 3.52
CA ALA A 87 4.32 -0.91 2.50
C ALA A 87 4.81 -1.08 1.06
N GLY A 88 6.11 -0.97 0.83
CA GLY A 88 6.63 -1.12 -0.52
C GLY A 88 6.57 -2.58 -0.95
N HIS A 89 6.99 -3.50 -0.07
CA HIS A 89 6.92 -4.91 -0.35
C HIS A 89 5.48 -5.30 -0.56
N ARG A 90 4.56 -4.76 0.25
CA ARG A 90 3.13 -5.14 0.14
C ARG A 90 2.54 -4.64 -1.18
N ALA A 91 2.84 -3.40 -1.53
CA ALA A 91 2.34 -2.81 -2.79
C ALA A 91 2.74 -3.67 -3.97
N ILE A 92 4.00 -4.11 -3.96
CA ILE A 92 4.55 -4.96 -5.01
C ILE A 92 3.84 -6.31 -5.07
N ALA A 93 3.68 -6.98 -3.91
CA ALA A 93 2.96 -8.25 -3.88
C ALA A 93 1.50 -8.14 -4.30
N GLU A 94 0.81 -7.12 -3.77
CA GLU A 94 -0.62 -6.92 -4.00
CA GLU A 94 -0.62 -6.96 -4.02
C GLU A 94 -0.88 -6.61 -5.47
N CYS A 95 0.03 -5.83 -6.06
CA CYS A 95 0.01 -5.50 -7.50
C CYS A 95 0.09 -6.80 -8.33
N GLU A 96 1.05 -7.66 -8.00
CA GLU A 96 1.16 -8.94 -8.70
C GLU A 96 -0.14 -9.73 -8.62
N THR A 97 -0.72 -9.81 -7.42
CA THR A 97 -1.93 -10.62 -7.21
C THR A 97 -3.08 -10.08 -8.04
N ARG A 98 -3.29 -8.78 -7.94
CA ARG A 98 -4.41 -8.14 -8.62
C ARG A 98 -4.27 -8.24 -10.14
N LEU A 99 -3.09 -7.92 -10.66
CA LEU A 99 -2.84 -8.03 -12.10
C LEU A 99 -2.94 -9.48 -12.62
N GLY A 100 -2.46 -10.45 -11.83
CA GLY A 100 -2.57 -11.86 -12.20
C GLY A 100 -3.99 -12.30 -12.49
N LYS A 101 -4.95 -11.77 -11.73
CA LYS A 101 -6.36 -12.14 -11.93
C LYS A 101 -6.89 -11.54 -13.22
N GLN A 102 -6.20 -10.53 -13.73
CA GLN A 102 -6.56 -9.95 -15.03
C GLN A 102 -5.77 -10.56 -16.20
N GLY A 103 -4.96 -11.57 -15.93
CA GLY A 103 -4.13 -12.18 -16.98
C GLY A 103 -2.90 -11.36 -17.33
N ARG A 104 -2.52 -10.47 -16.40
CA ARG A 104 -1.36 -9.59 -16.56
C ARG A 104 -0.22 -10.02 -15.63
N ARG A 105 0.98 -10.06 -16.20
CA ARG A 105 2.15 -10.60 -15.51
C ARG A 105 2.94 -9.53 -14.74
N VAL A 106 3.30 -9.83 -13.50
CA VAL A 106 4.21 -8.98 -12.73
C VAL A 106 5.31 -9.92 -12.22
N VAL A 107 6.58 -9.57 -12.43
CA VAL A 107 7.69 -10.38 -11.92
CA VAL A 107 7.72 -10.37 -11.97
C VAL A 107 8.66 -9.50 -11.14
N VAL A 108 9.13 -10.02 -10.00
CA VAL A 108 10.11 -9.30 -9.20
C VAL A 108 11.49 -9.95 -9.37
N ILE A 109 12.46 -9.13 -9.76
CA ILE A 109 13.84 -9.58 -9.89
C ILE A 109 14.56 -8.85 -8.76
N THR A 110 14.88 -9.55 -7.67
CA THR A 110 15.46 -8.87 -6.53
C THR A 110 16.94 -9.21 -6.31
N GLN A 111 17.72 -8.18 -5.93
CA GLN A 111 19.10 -8.36 -5.50
C GLN A 111 19.15 -8.68 -4.03
N ASN A 112 18.00 -8.53 -3.35
CA ASN A 112 17.98 -8.79 -1.91
C ASN A 112 17.97 -10.27 -1.60
N ILE A 113 18.67 -10.63 -0.53
CA ILE A 113 18.68 -12.00 -0.06
C ILE A 113 17.81 -12.14 1.21
N ASP A 114 17.08 -11.08 1.58
CA ASP A 114 16.34 -11.05 2.86
C ASP A 114 15.02 -11.84 2.91
N GLU A 115 14.57 -12.27 1.74
CA GLU A 115 13.30 -12.98 1.55
C GLU A 115 12.05 -12.20 1.95
N LEU A 116 12.17 -10.90 2.22
CA LEU A 116 10.99 -10.12 2.59
C LEU A 116 9.94 -10.02 1.49
N HIS A 117 10.36 -10.07 0.21
CA HIS A 117 9.38 -10.17 -0.88
C HIS A 117 8.59 -11.44 -0.77
N ARG A 118 9.24 -12.52 -0.34
CA ARG A 118 8.54 -13.81 -0.17
C ARG A 118 7.52 -13.69 0.97
N LYS A 119 7.96 -13.05 2.06
CA LYS A 119 7.10 -12.84 3.24
C LYS A 119 5.93 -11.93 2.93
N ALA A 120 6.13 -10.99 2.00
CA ALA A 120 5.08 -10.04 1.60
C ALA A 120 3.99 -10.67 0.77
N GLY A 121 4.30 -11.79 0.11
CA GLY A 121 3.32 -12.50 -0.71
C GLY A 121 3.65 -12.52 -2.21
N THR A 122 4.81 -12.02 -2.60
CA THR A 122 5.27 -12.13 -4.00
C THR A 122 5.46 -13.61 -4.39
N LYS A 123 4.89 -14.00 -5.52
CA LYS A 123 5.01 -15.37 -6.05
C LYS A 123 6.07 -15.46 -7.16
N ASN A 124 5.95 -14.61 -8.19
CA ASN A 124 6.91 -14.59 -9.28
C ASN A 124 8.22 -13.89 -8.85
N LEU A 125 9.08 -14.59 -8.13
CA LEU A 125 10.26 -13.96 -7.54
C LEU A 125 11.54 -14.59 -8.07
N LEU A 126 12.46 -13.75 -8.54
CA LEU A 126 13.78 -14.22 -8.97
C LEU A 126 14.78 -13.63 -7.99
N GLU A 127 15.32 -14.48 -7.11
CA GLU A 127 16.33 -14.03 -6.15
C GLU A 127 17.73 -14.20 -6.74
N ILE A 128 18.22 -13.14 -7.38
CA ILE A 128 19.40 -13.29 -8.23
C ILE A 128 20.73 -13.33 -7.46
N HIS A 129 20.70 -12.96 -6.17
CA HIS A 129 21.89 -13.05 -5.33
C HIS A 129 21.78 -14.12 -4.26
N GLY A 130 20.77 -14.99 -4.36
CA GLY A 130 20.60 -16.05 -3.35
C GLY A 130 19.72 -15.67 -2.17
N SER A 131 19.95 -16.33 -1.05
CA SER A 131 19.09 -16.15 0.13
C SER A 131 19.87 -16.32 1.43
N LEU A 132 19.63 -15.40 2.37
CA LEU A 132 20.15 -15.48 3.74
C LEU A 132 19.81 -16.79 4.40
N PHE A 133 18.72 -17.40 3.95
CA PHE A 133 18.16 -18.59 4.61
C PHE A 133 18.34 -19.86 3.78
N LYS A 134 19.45 -19.89 3.05
CA LYS A 134 19.90 -21.09 2.34
C LYS A 134 21.39 -21.27 2.54
N THR A 135 21.80 -22.53 2.56
CA THR A 135 23.21 -22.90 2.67
C THR A 135 23.58 -23.63 1.40
N ARG A 136 24.86 -23.61 1.07
CA ARG A 136 25.36 -24.53 0.04
C ARG A 136 26.60 -25.20 0.59
N CYS A 137 26.73 -26.48 0.32
CA CYS A 137 27.91 -27.21 0.76
C CYS A 137 29.09 -27.02 -0.22
N THR A 138 30.23 -26.60 0.34
CA THR A 138 31.45 -26.36 -0.44
C THR A 138 32.07 -27.66 -0.96
N SER A 139 31.66 -28.79 -0.39
CA SER A 139 32.16 -30.09 -0.80
C SER A 139 31.24 -30.79 -1.83
N CYS A 140 29.96 -31.00 -1.49
CA CYS A 140 29.06 -31.74 -2.38
C CYS A 140 28.10 -30.87 -3.22
N GLY A 141 28.02 -29.58 -2.90
CA GLY A 141 27.22 -28.63 -3.68
C GLY A 141 25.73 -28.56 -3.37
N VAL A 142 25.24 -29.37 -2.43
CA VAL A 142 23.81 -29.38 -2.13
C VAL A 142 23.37 -28.01 -1.58
N VAL A 143 22.20 -27.58 -2.03
CA VAL A 143 21.62 -26.34 -1.57
C VAL A 143 20.43 -26.73 -0.67
N ALA A 144 20.37 -26.12 0.50
CA ALA A 144 19.31 -26.41 1.45
C ALA A 144 18.72 -25.16 2.10
N GLU A 145 17.43 -25.18 2.37
CA GLU A 145 16.82 -24.07 3.09
C GLU A 145 17.19 -24.21 4.56
N ASN A 146 17.53 -23.10 5.21
CA ASN A 146 17.90 -23.18 6.61
C ASN A 146 17.49 -21.94 7.36
N TYR A 147 16.55 -22.10 8.30
CA TYR A 147 16.08 -21.00 9.13
C TYR A 147 16.43 -21.21 10.59
N LYS A 148 17.32 -22.18 10.86
CA LYS A 148 17.64 -22.55 12.24
C LYS A 148 18.29 -21.37 12.98
N SER A 149 17.82 -21.12 14.21
CA SER A 149 18.36 -20.10 15.08
C SER A 149 18.91 -20.72 16.36
N PRO A 150 20.25 -20.76 16.54
CA PRO A 150 21.31 -20.29 15.64
C PRO A 150 21.67 -21.41 14.66
N ILE A 151 22.24 -21.05 13.52
CA ILE A 151 22.49 -22.05 12.48
C ILE A 151 23.39 -23.23 12.93
N CYS A 152 24.36 -22.94 13.78
CA CYS A 152 25.11 -24.02 14.47
C CYS A 152 25.40 -23.59 15.92
N PRO A 153 25.74 -24.56 16.81
CA PRO A 153 25.92 -24.19 18.21
C PRO A 153 27.06 -23.17 18.47
N ALA A 154 28.16 -23.27 17.72
CA ALA A 154 29.30 -22.36 17.91
C ALA A 154 28.95 -20.90 17.65
N LEU A 155 27.95 -20.66 16.80
CA LEU A 155 27.48 -19.29 16.53
C LEU A 155 26.47 -18.71 17.53
N SER A 156 26.00 -19.54 18.46
CA SER A 156 25.06 -19.06 19.49
C SER A 156 25.61 -17.82 20.20
N GLY A 157 24.86 -16.73 20.14
CA GLY A 157 25.27 -15.48 20.81
C GLY A 157 26.36 -14.69 20.12
N LYS A 158 26.78 -15.11 18.93
CA LYS A 158 27.91 -14.48 18.22
C LYS A 158 27.36 -13.53 17.19
N GLY A 159 28.24 -12.86 16.46
CA GLY A 159 27.81 -11.95 15.39
C GLY A 159 27.55 -10.49 15.77
N ALA A 160 27.80 -10.13 17.04
CA ALA A 160 27.58 -8.77 17.51
C ALA A 160 28.25 -7.77 16.57
N PRO A 161 27.52 -6.70 16.19
CA PRO A 161 27.97 -5.88 15.08
C PRO A 161 28.83 -4.66 15.48
N GLU A 162 28.97 -4.36 16.77
CA GLU A 162 29.69 -3.14 17.18
C GLU A 162 31.20 -3.17 16.84
N PRO A 163 31.73 -2.06 16.27
CA PRO A 163 33.18 -1.97 16.14
C PRO A 163 33.86 -2.19 17.49
N GLY A 164 34.89 -3.03 17.52
CA GLY A 164 35.54 -3.38 18.77
C GLY A 164 35.19 -4.77 19.28
N THR A 165 34.13 -5.35 18.73
CA THR A 165 33.76 -6.73 19.01
C THR A 165 34.84 -7.65 18.46
N GLN A 166 35.31 -8.54 19.31
CA GLN A 166 36.31 -9.53 18.99
C GLN A 166 35.77 -10.64 18.09
N ASP A 167 36.59 -11.17 17.14
CA ASP A 167 36.22 -12.35 16.33
CA ASP A 167 36.30 -12.37 16.34
C ASP A 167 35.89 -13.52 17.25
N ALA A 168 34.84 -14.27 16.89
CA ALA A 168 34.51 -15.52 17.58
C ALA A 168 35.63 -16.57 17.35
N SER A 169 36.29 -16.51 16.19
CA SER A 169 37.40 -17.44 15.87
C SER A 169 37.02 -18.89 16.06
N ILE A 170 35.91 -19.28 15.46
CA ILE A 170 35.37 -20.61 15.56
C ILE A 170 36.14 -21.58 14.65
N PRO A 171 36.65 -22.69 15.23
CA PRO A 171 37.37 -23.66 14.37
C PRO A 171 36.46 -24.09 13.23
N VAL A 172 37.05 -24.22 12.04
CA VAL A 172 36.29 -24.56 10.84
CA VAL A 172 36.26 -24.56 10.84
C VAL A 172 35.37 -25.80 11.02
N GLU A 173 35.81 -26.76 11.84
CA GLU A 173 35.04 -28.01 12.10
C GLU A 173 33.73 -27.71 12.80
N LYS A 174 33.67 -26.56 13.49
CA LYS A 174 32.53 -26.18 14.32
CA LYS A 174 32.50 -26.21 14.31
C LYS A 174 31.63 -25.14 13.66
N LEU A 175 32.00 -24.70 12.46
CA LEU A 175 31.09 -23.86 11.66
C LEU A 175 30.00 -24.76 11.07
N PRO A 176 28.98 -24.18 10.41
CA PRO A 176 27.95 -25.08 9.87
C PRO A 176 28.47 -26.16 8.89
N ARG A 177 28.09 -27.41 9.17
CA ARG A 177 28.52 -28.55 8.39
C ARG A 177 27.37 -29.26 7.70
N CYS A 178 27.68 -29.84 6.55
CA CYS A 178 26.68 -30.49 5.70
C CYS A 178 26.20 -31.79 6.32
N GLU A 179 24.87 -31.94 6.38
CA GLU A 179 24.23 -33.11 7.01
C GLU A 179 23.62 -34.05 5.96
N GLU A 180 23.94 -33.81 4.70
CA GLU A 180 23.50 -34.66 3.60
C GLU A 180 24.42 -35.88 3.48
N ALA A 181 23.82 -37.08 3.51
CA ALA A 181 24.55 -38.32 3.20
C ALA A 181 25.90 -38.45 3.91
N GLY A 182 25.90 -38.08 5.19
CA GLY A 182 27.11 -38.04 6.01
C GLY A 182 28.22 -37.14 5.50
N CYS A 183 27.91 -36.26 4.54
CA CYS A 183 28.93 -35.48 3.81
C CYS A 183 29.95 -34.79 4.71
N GLY A 184 29.47 -34.00 5.66
CA GLY A 184 30.33 -33.36 6.65
C GLY A 184 31.04 -32.10 6.16
N GLY A 185 30.86 -31.76 4.89
CA GLY A 185 31.53 -30.61 4.27
C GLY A 185 31.17 -29.28 4.90
N LEU A 186 32.04 -28.29 4.72
CA LEU A 186 31.78 -26.97 5.27
C LEU A 186 30.73 -26.26 4.42
N LEU A 187 29.69 -25.77 5.08
CA LEU A 187 28.65 -24.98 4.41
C LEU A 187 29.06 -23.53 4.29
N ARG A 188 28.57 -22.89 3.23
CA ARG A 188 28.63 -21.47 3.11
C ARG A 188 27.20 -20.97 2.95
N PRO A 189 27.01 -19.66 3.12
CA PRO A 189 25.74 -19.06 2.70
C PRO A 189 25.50 -19.25 1.20
N HIS A 190 24.27 -19.57 0.82
CA HIS A 190 23.93 -19.70 -0.59
C HIS A 190 23.61 -18.33 -1.13
N VAL A 191 24.65 -17.51 -1.18
CA VAL A 191 24.61 -16.10 -1.50
C VAL A 191 25.68 -15.83 -2.57
N VAL A 192 25.35 -15.05 -3.60
CA VAL A 192 26.32 -14.73 -4.64
C VAL A 192 27.24 -13.63 -4.12
N TRP A 193 28.53 -13.92 -4.17
CA TRP A 193 29.56 -13.02 -3.71
C TRP A 193 30.27 -12.33 -4.84
N PHE A 194 30.94 -11.25 -4.51
CA PHE A 194 31.77 -10.56 -5.46
C PHE A 194 32.80 -11.47 -6.11
N GLY A 195 32.85 -11.41 -7.43
CA GLY A 195 33.76 -12.23 -8.20
C GLY A 195 33.14 -13.54 -8.63
N GLU A 196 31.94 -13.83 -8.12
CA GLU A 196 31.26 -15.08 -8.42
C GLU A 196 30.17 -14.88 -9.45
N ASN A 197 29.87 -15.95 -10.18
CA ASN A 197 28.82 -15.94 -11.21
C ASN A 197 27.42 -16.09 -10.63
N LEU A 198 26.49 -15.27 -11.13
CA LEU A 198 25.08 -15.50 -10.82
C LEU A 198 24.69 -16.79 -11.51
N ASP A 199 23.63 -17.42 -11.03
CA ASP A 199 23.19 -18.68 -11.60
C ASP A 199 22.78 -18.53 -13.07
N PRO A 200 23.41 -19.33 -13.97
CA PRO A 200 23.05 -19.16 -15.37
C PRO A 200 21.56 -19.43 -15.64
N ALA A 201 20.93 -20.35 -14.90
CA ALA A 201 19.51 -20.63 -15.15
C ALA A 201 18.64 -19.43 -14.74
N ILE A 202 18.97 -18.84 -13.59
CA ILE A 202 18.34 -17.57 -13.15
C ILE A 202 18.55 -16.45 -14.20
N LEU A 203 19.77 -16.34 -14.72
CA LEU A 203 20.06 -15.31 -15.73
C LEU A 203 19.25 -15.49 -17.01
N GLU A 204 19.06 -16.75 -17.43
CA GLU A 204 18.22 -17.04 -18.59
C GLU A 204 16.75 -16.60 -18.36
N GLU A 205 16.24 -16.83 -17.15
CA GLU A 205 14.87 -16.39 -16.80
C GLU A 205 14.81 -14.86 -16.79
N VAL A 206 15.81 -14.23 -16.19
CA VAL A 206 15.87 -12.75 -16.17
C VAL A 206 15.85 -12.22 -17.60
N ASP A 207 16.70 -12.76 -18.48
CA ASP A 207 16.77 -12.22 -19.83
CA ASP A 207 16.78 -12.27 -19.87
C ASP A 207 15.44 -12.36 -20.57
N ARG A 208 14.72 -13.45 -20.34
CA ARG A 208 13.41 -13.57 -20.97
C ARG A 208 12.40 -12.55 -20.43
N GLU A 209 12.44 -12.26 -19.12
CA GLU A 209 11.52 -11.23 -18.56
C GLU A 209 11.84 -9.85 -19.10
N LEU A 210 13.13 -9.49 -19.11
CA LEU A 210 13.57 -8.18 -19.61
C LEU A 210 13.24 -7.98 -21.09
N ALA A 211 13.35 -9.05 -21.88
CA ALA A 211 13.16 -8.97 -23.35
C ALA A 211 11.70 -8.76 -23.73
N HIS A 212 10.80 -9.23 -22.88
CA HIS A 212 9.37 -9.24 -23.20
C HIS A 212 8.49 -8.29 -22.41
N CYS A 213 9.01 -7.74 -21.31
CA CYS A 213 8.21 -6.78 -20.52
C CYS A 213 7.86 -5.52 -21.31
N ASP A 214 6.79 -4.85 -20.89
CA ASP A 214 6.39 -3.60 -21.52
C ASP A 214 6.35 -2.45 -20.53
N LEU A 215 6.77 -2.71 -19.28
CA LEU A 215 6.95 -1.65 -18.28
C LEU A 215 7.90 -2.18 -17.22
N CYS A 216 8.73 -1.30 -16.63
CA CYS A 216 9.76 -1.74 -15.70
C CYS A 216 9.90 -0.73 -14.59
N LEU A 217 10.00 -1.20 -13.35
CA LEU A 217 10.28 -0.34 -12.22
C LEU A 217 11.60 -0.84 -11.65
N VAL A 218 12.44 0.10 -11.20
CA VAL A 218 13.71 -0.21 -10.57
C VAL A 218 13.76 0.55 -9.24
N VAL A 219 13.70 -0.24 -8.16
CA VAL A 219 13.31 0.23 -6.85
C VAL A 219 14.40 -0.01 -5.80
N GLY A 220 14.84 1.04 -5.11
CA GLY A 220 15.76 0.91 -3.97
C GLY A 220 17.09 0.25 -4.31
N THR A 221 17.62 0.52 -5.49
CA THR A 221 18.97 0.02 -5.80
C THR A 221 19.89 1.14 -6.23
N SER A 222 21.14 1.06 -5.79
CA SER A 222 22.15 2.07 -6.11
C SER A 222 22.62 1.98 -7.57
N SER A 223 22.24 0.90 -8.23
CA SER A 223 22.63 0.64 -9.62
C SER A 223 24.16 0.75 -9.85
N VAL A 224 24.95 0.21 -8.90
CA VAL A 224 26.41 0.13 -9.07
C VAL A 224 26.94 -1.31 -9.11
N VAL A 225 26.12 -2.26 -8.68
CA VAL A 225 26.51 -3.67 -8.71
C VAL A 225 26.01 -4.34 -9.99
N TYR A 226 26.93 -4.96 -10.71
CA TYR A 226 26.68 -5.64 -11.97
C TYR A 226 26.60 -7.14 -11.75
N PRO A 227 25.90 -7.88 -12.63
CA PRO A 227 25.17 -7.40 -13.82
C PRO A 227 23.83 -6.70 -13.53
N ALA A 228 23.32 -6.81 -12.29
CA ALA A 228 21.98 -6.28 -11.95
C ALA A 228 21.78 -4.84 -12.39
N ALA A 229 22.81 -4.02 -12.24
CA ALA A 229 22.72 -2.60 -12.53
C ALA A 229 22.41 -2.33 -14.00
N MET A 230 22.63 -3.31 -14.88
CA MET A 230 22.36 -3.07 -16.30
C MET A 230 21.00 -3.58 -16.80
N PHE A 231 20.22 -4.21 -15.91
CA PHE A 231 18.94 -4.80 -16.29
C PHE A 231 17.93 -3.71 -16.68
N ALA A 232 17.69 -2.76 -15.79
CA ALA A 232 16.71 -1.71 -16.09
C ALA A 232 17.17 -0.88 -17.32
N PRO A 233 18.48 -0.51 -17.41
CA PRO A 233 18.95 0.17 -18.64
C PRO A 233 18.74 -0.62 -19.93
N GLN A 234 18.89 -1.94 -19.88
CA GLN A 234 18.60 -2.77 -21.04
C GLN A 234 17.16 -2.60 -21.52
N VAL A 235 16.24 -2.61 -20.56
CA VAL A 235 14.83 -2.46 -20.86
C VAL A 235 14.57 -1.06 -21.40
N ALA A 236 15.13 -0.04 -20.75
CA ALA A 236 14.93 1.35 -21.17
C ALA A 236 15.40 1.54 -22.60
N ALA A 237 16.56 0.96 -22.90
CA ALA A 237 17.16 1.09 -24.22
C ALA A 237 16.40 0.38 -25.34
N ARG A 238 15.45 -0.49 -25.00
CA ARG A 238 14.51 -1.05 -25.98
C ARG A 238 13.38 -0.09 -26.33
N GLY A 239 13.33 1.05 -25.64
CA GLY A 239 12.23 1.99 -25.78
C GLY A 239 11.05 1.75 -24.85
N VAL A 240 11.25 0.85 -23.88
CA VAL A 240 10.21 0.52 -22.89
C VAL A 240 10.31 1.51 -21.71
N PRO A 241 9.17 1.99 -21.19
CA PRO A 241 9.26 2.92 -20.07
C PRO A 241 9.82 2.22 -18.80
N VAL A 242 10.77 2.86 -18.14
CA VAL A 242 11.35 2.39 -16.88
C VAL A 242 11.18 3.53 -15.88
N ALA A 243 10.64 3.20 -14.70
CA ALA A 243 10.48 4.20 -13.66
C ALA A 243 11.36 3.80 -12.49
N GLU A 244 12.20 4.73 -12.06
CA GLU A 244 13.10 4.49 -10.96
C GLU A 244 12.51 5.07 -9.70
N PHE A 245 12.48 4.28 -8.63
CA PHE A 245 11.99 4.68 -7.31
C PHE A 245 13.13 4.60 -6.31
N ASN A 246 13.55 5.74 -5.79
CA ASN A 246 14.75 5.82 -4.96
C ASN A 246 14.71 7.13 -4.19
N THR A 247 15.35 7.14 -3.02
CA THR A 247 15.54 8.37 -2.24
C THR A 247 16.55 9.32 -2.88
N GLU A 248 17.32 8.83 -3.84
CA GLU A 248 18.29 9.70 -4.53
C GLU A 248 18.48 9.28 -5.98
N THR A 249 19.24 10.07 -6.74
CA THR A 249 19.56 9.68 -8.10
C THR A 249 20.77 8.73 -8.09
N THR A 250 20.89 7.95 -9.16
CA THR A 250 21.92 6.94 -9.32
C THR A 250 22.64 7.20 -10.65
N PRO A 251 23.76 6.50 -10.92
CA PRO A 251 24.42 6.63 -12.24
C PRO A 251 23.54 6.17 -13.39
N ALA A 252 22.49 5.41 -13.12
CA ALA A 252 21.57 4.98 -14.16
C ALA A 252 20.39 5.94 -14.37
N THR A 253 20.17 6.89 -13.46
CA THR A 253 18.91 7.66 -13.47
C THR A 253 18.54 8.24 -14.83
N ASN A 254 19.52 8.80 -15.53
CA ASN A 254 19.24 9.50 -16.77
C ASN A 254 18.95 8.61 -17.96
N ARG A 255 19.08 7.30 -17.79
CA ARG A 255 18.71 6.36 -18.83
C ARG A 255 17.20 6.08 -18.82
N PHE A 256 16.52 6.47 -17.74
CA PHE A 256 15.13 6.07 -17.49
C PHE A 256 14.04 7.07 -17.90
N ARG A 257 12.83 6.56 -18.16
CA ARG A 257 11.68 7.40 -18.54
C ARG A 257 11.17 8.22 -17.36
N PHE A 258 11.24 7.65 -16.14
CA PHE A 258 10.70 8.29 -14.94
C PHE A 258 11.63 8.16 -13.76
N HIS A 259 11.67 9.19 -12.91
CA HIS A 259 12.36 9.11 -11.61
C HIS A 259 11.46 9.68 -10.54
N PHE A 260 11.11 8.85 -9.56
CA PHE A 260 10.23 9.25 -8.47
C PHE A 260 11.02 9.26 -7.18
N GLN A 261 11.39 10.47 -6.72
CA GLN A 261 12.26 10.59 -5.59
C GLN A 261 11.45 10.47 -4.31
N GLY A 262 11.97 9.73 -3.34
CA GLY A 262 11.31 9.56 -2.04
C GLY A 262 11.39 8.14 -1.52
N PRO A 263 10.97 7.90 -0.26
CA PRO A 263 10.99 6.53 0.29
C PRO A 263 9.99 5.68 -0.50
N CYS A 264 10.39 4.46 -0.86
CA CYS A 264 9.50 3.70 -1.73
CA CYS A 264 9.58 3.54 -1.67
C CYS A 264 8.25 3.16 -1.02
N GLY A 265 8.27 3.13 0.30
CA GLY A 265 7.08 2.81 1.08
C GLY A 265 5.98 3.86 0.93
N THR A 266 6.34 5.05 0.41
CA THR A 266 5.35 6.07 0.06
C THR A 266 5.06 6.04 -1.42
N THR A 267 6.11 6.06 -2.24
CA THR A 267 5.90 6.22 -3.67
C THR A 267 5.36 4.94 -4.35
N LEU A 268 5.72 3.76 -3.85
CA LEU A 268 5.23 2.53 -4.50
C LEU A 268 3.73 2.27 -4.32
N PRO A 269 3.20 2.44 -3.09
CA PRO A 269 1.74 2.33 -2.96
C PRO A 269 1.00 3.29 -3.89
N GLU A 270 1.49 4.52 -4.05
CA GLU A 270 0.86 5.48 -4.98
C GLU A 270 0.97 5.01 -6.41
N ALA A 271 2.16 4.59 -6.79
CA ALA A 271 2.42 4.22 -8.18
C ALA A 271 1.63 2.96 -8.56
N LEU A 272 1.50 2.02 -7.63
CA LEU A 272 0.93 0.70 -7.99
C LEU A 272 -0.54 0.54 -7.61
N ALA A 273 -1.13 1.65 -7.16
CA ALA A 273 -2.53 1.65 -6.72
C ALA A 273 -3.46 1.30 -7.88
N SER B 2 -11.17 12.51 32.49
CA SER B 2 -10.91 13.96 32.75
C SER B 2 -9.43 14.36 32.55
N PHE B 3 -8.57 13.39 32.25
CA PHE B 3 -7.17 13.71 31.94
C PHE B 3 -7.04 14.42 30.60
N THR B 4 -6.12 15.37 30.55
CA THR B 4 -5.72 15.97 29.30
C THR B 4 -4.83 14.95 28.60
N ALA B 5 -5.24 14.55 27.41
CA ALA B 5 -4.51 13.57 26.65
C ALA B 5 -4.21 14.11 25.26
N ARG B 6 -3.05 13.71 24.76
CA ARG B 6 -2.79 13.81 23.34
CA ARG B 6 -2.71 13.84 23.34
C ARG B 6 -2.47 12.40 22.87
N PRO B 7 -3.17 11.96 21.81
CA PRO B 7 -2.90 10.66 21.24
C PRO B 7 -1.42 10.42 20.97
N SER B 8 -1.04 9.14 21.06
CA SER B 8 0.30 8.73 20.71
C SER B 8 0.50 8.79 19.19
N SER B 9 1.73 9.10 18.78
CA SER B 9 2.08 9.06 17.37
C SER B 9 3.04 7.90 17.10
N SER B 10 3.11 6.96 18.04
CA SER B 10 3.97 5.78 17.87
C SER B 10 3.34 4.76 16.94
N MET B 11 3.86 4.67 15.72
CA MET B 11 3.42 3.65 14.77
C MET B 11 3.69 2.25 15.30
N ALA B 12 4.84 2.08 15.97
CA ALA B 12 5.20 0.78 16.56
C ALA B 12 4.14 0.29 17.55
N ASP B 13 3.70 1.17 18.45
CA ASP B 13 2.66 0.79 19.41
C ASP B 13 1.32 0.46 18.73
N PHE B 14 0.94 1.27 17.73
CA PHE B 14 -0.26 0.94 16.97
C PHE B 14 -0.16 -0.45 16.35
N ARG B 15 0.99 -0.74 15.73
CA ARG B 15 1.18 -2.02 15.04
C ARG B 15 1.14 -3.24 15.98
N LYS B 16 1.50 -3.05 17.24
CA LYS B 16 1.34 -4.11 18.25
C LYS B 16 -0.15 -4.45 18.48
N PHE B 17 -1.01 -3.45 18.55
CA PHE B 17 -2.47 -3.73 18.59
C PHE B 17 -2.96 -4.37 17.29
N PHE B 18 -2.51 -3.83 16.16
CA PHE B 18 -2.92 -4.29 14.84
C PHE B 18 -2.61 -5.79 14.63
N ALA B 19 -1.43 -6.23 15.08
CA ALA B 19 -1.03 -7.64 14.97
C ALA B 19 -2.00 -8.62 15.64
N LYS B 20 -2.70 -8.16 16.68
CA LYS B 20 -3.56 -9.02 17.52
C LYS B 20 -5.06 -8.82 17.31
N ALA B 21 -5.44 -7.75 16.62
CA ALA B 21 -6.84 -7.35 16.55
C ALA B 21 -7.66 -8.34 15.73
N LYS B 22 -8.82 -8.74 16.26
CA LYS B 22 -9.65 -9.77 15.63
C LYS B 22 -10.79 -9.14 14.83
N HIS B 23 -11.10 -7.89 15.13
CA HIS B 23 -12.25 -7.21 14.55
C HIS B 23 -11.96 -5.74 14.42
N ILE B 24 -11.57 -5.32 13.23
CA ILE B 24 -11.15 -3.94 13.03
C ILE B 24 -12.28 -3.20 12.31
N VAL B 25 -12.70 -2.06 12.88
CA VAL B 25 -13.62 -1.15 12.20
C VAL B 25 -12.81 0.03 11.69
N ILE B 26 -13.00 0.34 10.41
CA ILE B 26 -12.34 1.46 9.78
C ILE B 26 -13.44 2.44 9.35
N ILE B 27 -13.49 3.60 10.00
CA ILE B 27 -14.44 4.67 9.62
C ILE B 27 -13.73 5.61 8.66
N SER B 28 -14.37 5.94 7.52
CA SER B 28 -13.73 6.87 6.60
C SER B 28 -14.62 8.01 6.19
N GLY B 29 -13.98 9.13 5.88
CA GLY B 29 -14.65 10.23 5.21
C GLY B 29 -13.88 10.71 4.00
N ALA B 30 -14.22 11.91 3.56
CA ALA B 30 -13.80 12.38 2.23
C ALA B 30 -12.28 12.48 2.04
N GLY B 31 -11.55 12.60 3.15
CA GLY B 31 -10.09 12.70 3.14
C GLY B 31 -9.44 11.46 2.56
N VAL B 32 -10.12 10.31 2.66
CA VAL B 32 -9.52 9.05 2.17
C VAL B 32 -9.52 9.01 0.65
N SER B 33 -10.37 9.85 0.06
CA SER B 33 -10.46 9.95 -1.38
C SER B 33 -9.73 11.16 -1.97
N ALA B 34 -9.23 12.06 -1.13
CA ALA B 34 -8.54 13.27 -1.65
C ALA B 34 -7.40 12.92 -2.61
N GLU B 35 -6.64 11.89 -2.28
CA GLU B 35 -5.46 11.56 -3.08
C GLU B 35 -5.81 10.80 -4.38
N SER B 36 -7.10 10.55 -4.60
CA SER B 36 -7.62 10.17 -5.93
C SER B 36 -7.98 11.37 -6.82
N GLY B 37 -7.78 12.59 -6.31
CA GLY B 37 -8.12 13.80 -7.07
C GLY B 37 -9.56 14.23 -6.86
N VAL B 38 -10.14 13.82 -5.73
CA VAL B 38 -11.51 14.18 -5.38
C VAL B 38 -11.48 15.20 -4.23
N PRO B 39 -12.07 16.39 -4.44
CA PRO B 39 -12.10 17.41 -3.40
C PRO B 39 -12.84 16.90 -2.18
N THR B 40 -12.44 17.39 -1.01
CA THR B 40 -13.23 17.12 0.20
C THR B 40 -14.37 18.12 0.26
N PHE B 41 -15.18 18.02 1.30
CA PHE B 41 -16.30 18.95 1.50
C PHE B 41 -15.86 20.26 2.15
N ARG B 42 -14.88 20.22 3.03
CA ARG B 42 -14.44 21.43 3.74
C ARG B 42 -13.19 22.04 3.08
N GLY B 43 -13.11 23.38 3.08
CA GLY B 43 -12.09 24.14 2.32
C GLY B 43 -12.60 24.82 1.05
N ALA B 44 -11.69 25.33 0.22
CA ALA B 44 -12.06 25.98 -1.05
C ALA B 44 -12.52 25.01 -2.13
N GLY B 45 -11.87 23.84 -2.18
CA GLY B 45 -12.19 22.82 -3.18
C GLY B 45 -13.56 22.21 -3.00
N GLY B 46 -14.15 22.38 -1.81
CA GLY B 46 -15.50 21.92 -1.50
C GLY B 46 -16.66 22.77 -2.02
N TYR B 47 -16.36 23.85 -2.74
CA TYR B 47 -17.43 24.65 -3.33
C TYR B 47 -17.87 24.08 -4.66
N TRP B 48 -19.15 24.21 -4.97
CA TRP B 48 -19.61 23.99 -6.33
C TRP B 48 -20.34 25.25 -6.67
N ARG B 49 -19.86 25.93 -7.71
CA ARG B 49 -20.27 27.32 -7.99
C ARG B 49 -20.16 28.11 -6.67
N LYS B 50 -21.21 28.83 -6.29
CA LYS B 50 -21.14 29.64 -5.08
C LYS B 50 -21.60 28.90 -3.80
N TRP B 51 -21.88 27.60 -3.91
CA TRP B 51 -22.50 26.85 -2.79
C TRP B 51 -21.59 25.81 -2.23
N GLN B 52 -21.87 25.42 -0.99
CA GLN B 52 -21.20 24.28 -0.38
C GLN B 52 -22.15 23.12 -0.22
N ALA B 53 -21.62 21.96 0.18
CA ALA B 53 -22.42 20.74 0.29
C ALA B 53 -23.62 20.94 1.19
N GLN B 54 -23.43 21.65 2.29
CA GLN B 54 -24.55 21.88 3.22
C GLN B 54 -25.67 22.74 2.62
N ASP B 55 -25.36 23.43 1.52
CA ASP B 55 -26.35 24.29 0.89
C ASP B 55 -27.21 23.51 -0.10
N LEU B 56 -26.70 22.37 -0.54
CA LEU B 56 -27.23 21.65 -1.68
C LEU B 56 -27.68 20.26 -1.31
N ALA B 57 -26.94 19.62 -0.41
CA ALA B 57 -27.30 18.28 0.09
C ALA B 57 -28.37 18.38 1.18
N THR B 58 -29.57 18.76 0.76
CA THR B 58 -30.71 19.04 1.67
C THR B 58 -32.00 18.88 0.88
N PRO B 59 -33.01 18.25 1.49
CA PRO B 59 -34.26 18.06 0.78
C PRO B 59 -35.01 19.35 0.49
N LEU B 60 -34.67 20.43 1.20
CA LEU B 60 -35.29 21.74 0.92
C LEU B 60 -34.72 22.34 -0.36
N ALA B 61 -33.42 22.19 -0.57
CA ALA B 61 -32.82 22.59 -1.85
C ALA B 61 -33.44 21.78 -2.99
N PHE B 62 -33.61 20.49 -2.79
CA PHE B 62 -34.20 19.66 -3.83
C PHE B 62 -35.69 19.98 -4.10
N ALA B 63 -36.45 20.25 -3.03
CA ALA B 63 -37.86 20.65 -3.17
C ALA B 63 -38.02 21.90 -4.02
N HIS B 64 -37.10 22.86 -3.85
CA HIS B 64 -37.28 24.19 -4.44
C HIS B 64 -36.48 24.45 -5.68
N ASN B 65 -35.47 23.65 -5.96
CA ASN B 65 -34.69 23.81 -7.18
C ASN B 65 -34.07 22.45 -7.53
N PRO B 66 -34.91 21.47 -7.92
CA PRO B 66 -34.36 20.15 -8.19
C PRO B 66 -33.35 20.16 -9.33
N SER B 67 -33.51 21.08 -10.31
CA SER B 67 -32.56 21.18 -11.42
C SER B 67 -31.16 21.53 -10.91
N ARG B 68 -31.08 22.47 -9.97
CA ARG B 68 -29.78 22.86 -9.44
C ARG B 68 -29.15 21.70 -8.65
N VAL B 69 -29.94 21.00 -7.84
CA VAL B 69 -29.40 19.89 -7.07
C VAL B 69 -28.92 18.79 -8.02
N TRP B 70 -29.71 18.54 -9.07
CA TRP B 70 -29.29 17.56 -10.07
C TRP B 70 -28.04 17.95 -10.84
N GLU B 71 -27.87 19.24 -11.14
CA GLU B 71 -26.62 19.71 -11.81
C GLU B 71 -25.39 19.42 -10.97
N PHE B 72 -25.51 19.67 -9.66
CA PHE B 72 -24.50 19.37 -8.64
C PHE B 72 -24.16 17.90 -8.62
N TYR B 73 -25.18 17.06 -8.48
CA TYR B 73 -24.95 15.62 -8.43
C TYR B 73 -24.46 15.05 -9.74
N HIS B 74 -24.93 15.63 -10.85
CA HIS B 74 -24.45 15.19 -12.16
C HIS B 74 -22.98 15.49 -12.33
N TYR B 75 -22.57 16.70 -11.94
CA TYR B 75 -21.16 17.08 -11.96
C TYR B 75 -20.35 16.06 -11.18
N ARG B 76 -20.77 15.78 -9.96
CA ARG B 76 -20.02 14.84 -9.12
C ARG B 76 -19.95 13.44 -9.70
N ARG B 77 -21.05 12.94 -10.25
CA ARG B 77 -21.09 11.64 -10.93
C ARG B 77 -20.10 11.60 -12.08
N GLU B 78 -20.09 12.64 -12.90
CA GLU B 78 -19.23 12.63 -14.08
C GLU B 78 -17.75 12.69 -13.71
N VAL B 79 -17.42 13.52 -12.72
CA VAL B 79 -16.06 13.62 -12.19
C VAL B 79 -15.57 12.29 -11.64
N MET B 80 -16.43 11.63 -10.86
CA MET B 80 -16.13 10.36 -10.19
C MET B 80 -15.91 9.20 -11.16
N GLY B 81 -16.64 9.17 -12.28
CA GLY B 81 -16.49 8.09 -13.26
C GLY B 81 -15.06 7.86 -13.77
N SER B 82 -14.21 8.88 -13.71
CA SER B 82 -12.81 8.75 -14.17
C SER B 82 -11.85 8.52 -12.99
N LYS B 83 -12.36 8.52 -11.77
CA LYS B 83 -11.49 8.45 -10.59
C LYS B 83 -11.15 7.01 -10.21
N GLU B 84 -9.95 6.84 -9.67
CA GLU B 84 -9.39 5.53 -9.35
CA GLU B 84 -9.46 5.52 -9.33
C GLU B 84 -9.10 5.45 -7.85
N PRO B 85 -9.26 4.27 -7.24
CA PRO B 85 -8.84 4.17 -5.83
C PRO B 85 -7.34 4.49 -5.64
N ASN B 86 -7.02 5.05 -4.49
CA ASN B 86 -5.65 5.45 -4.21
C ASN B 86 -4.99 4.45 -3.26
N ALA B 87 -3.76 4.73 -2.82
CA ALA B 87 -2.98 3.82 -1.96
C ALA B 87 -3.71 3.56 -0.65
N GLY B 88 -4.40 4.59 -0.13
CA GLY B 88 -5.18 4.45 1.11
C GLY B 88 -6.34 3.49 0.96
N HIS B 89 -7.16 3.67 -0.08
CA HIS B 89 -8.23 2.72 -0.40
C HIS B 89 -7.69 1.32 -0.57
N ARG B 90 -6.56 1.19 -1.25
CA ARG B 90 -6.02 -0.14 -1.56
C ARG B 90 -5.52 -0.82 -0.30
N ALA B 91 -4.82 -0.07 0.54
CA ALA B 91 -4.27 -0.58 1.80
C ALA B 91 -5.42 -1.14 2.65
N ILE B 92 -6.53 -0.38 2.69
CA ILE B 92 -7.73 -0.76 3.45
C ILE B 92 -8.34 -2.06 2.91
N ALA B 93 -8.50 -2.14 1.59
CA ALA B 93 -9.01 -3.35 0.94
C ALA B 93 -8.11 -4.58 1.14
N GLU B 94 -6.80 -4.37 0.96
CA GLU B 94 -5.84 -5.47 1.04
CA GLU B 94 -5.84 -5.47 1.05
C GLU B 94 -5.73 -5.98 2.47
N CYS B 95 -5.82 -5.07 3.44
CA CYS B 95 -5.85 -5.45 4.83
C CYS B 95 -7.06 -6.38 5.13
N GLU B 96 -8.23 -6.04 4.60
CA GLU B 96 -9.42 -6.87 4.77
C GLU B 96 -9.21 -8.27 4.20
N THR B 97 -8.72 -8.34 2.96
CA THR B 97 -8.52 -9.62 2.29
C THR B 97 -7.52 -10.50 3.07
N ARG B 98 -6.41 -9.91 3.51
CA ARG B 98 -5.34 -10.63 4.20
C ARG B 98 -5.82 -11.11 5.56
N LEU B 99 -6.48 -10.25 6.32
CA LEU B 99 -6.97 -10.65 7.64
C LEU B 99 -8.11 -11.68 7.55
N GLY B 100 -8.94 -11.54 6.53
CA GLY B 100 -10.02 -12.49 6.24
C GLY B 100 -9.53 -13.93 6.19
N LYS B 101 -8.38 -14.15 5.54
CA LYS B 101 -7.86 -15.50 5.36
C LYS B 101 -7.34 -16.09 6.67
N GLN B 102 -7.13 -15.21 7.64
CA GLN B 102 -6.74 -15.60 8.99
C GLN B 102 -7.95 -15.69 9.92
N GLY B 103 -9.15 -15.47 9.40
CA GLY B 103 -10.37 -15.51 10.24
C GLY B 103 -10.52 -14.24 11.08
N ARG B 104 -9.91 -13.15 10.63
CA ARG B 104 -9.97 -11.87 11.32
C ARG B 104 -10.78 -10.89 10.49
N ARG B 105 -11.67 -10.13 11.14
CA ARG B 105 -12.64 -9.29 10.46
C ARG B 105 -12.19 -7.84 10.31
N VAL B 106 -12.31 -7.28 9.10
CA VAL B 106 -12.14 -5.86 8.86
C VAL B 106 -13.43 -5.40 8.19
N VAL B 107 -14.00 -4.30 8.70
CA VAL B 107 -15.22 -3.71 8.14
C VAL B 107 -14.99 -2.21 7.98
N VAL B 108 -15.44 -1.68 6.84
CA VAL B 108 -15.33 -0.28 6.55
C VAL B 108 -16.70 0.38 6.68
N ILE B 109 -16.76 1.47 7.44
CA ILE B 109 -17.97 2.26 7.61
C ILE B 109 -17.64 3.62 7.03
N THR B 110 -18.18 3.85 5.84
CA THR B 110 -17.84 5.04 5.12
C THR B 110 -18.97 6.06 5.01
N GLN B 111 -18.61 7.30 5.25
CA GLN B 111 -19.46 8.46 4.97
C GLN B 111 -19.42 8.84 3.50
N ASN B 112 -18.51 8.23 2.75
CA ASN B 112 -18.32 8.62 1.35
C ASN B 112 -19.36 7.97 0.49
N ILE B 113 -19.87 8.71 -0.50
CA ILE B 113 -20.84 8.16 -1.44
C ILE B 113 -20.16 7.81 -2.79
N ASP B 114 -18.84 7.98 -2.85
CA ASP B 114 -18.06 7.88 -4.10
C ASP B 114 -17.83 6.46 -4.64
N GLU B 115 -18.06 5.45 -3.79
CA GLU B 115 -17.87 4.01 -4.13
C GLU B 115 -16.42 3.61 -4.44
N LEU B 116 -15.47 4.48 -4.15
CA LEU B 116 -14.07 4.16 -4.38
C LEU B 116 -13.57 3.01 -3.45
N HIS B 117 -14.18 2.82 -2.27
CA HIS B 117 -13.83 1.64 -1.46
C HIS B 117 -14.21 0.36 -2.18
N ARG B 118 -15.35 0.38 -2.88
CA ARG B 118 -15.81 -0.78 -3.67
C ARG B 118 -14.86 -1.04 -4.83
N LYS B 119 -14.50 0.03 -5.54
CA LYS B 119 -13.55 -0.07 -6.64
C LYS B 119 -12.20 -0.61 -6.20
N ALA B 120 -11.81 -0.26 -4.98
CA ALA B 120 -10.55 -0.72 -4.40
C ALA B 120 -10.52 -2.20 -4.02
N GLY B 121 -11.70 -2.80 -3.86
CA GLY B 121 -11.80 -4.22 -3.54
C GLY B 121 -12.33 -4.53 -2.13
N THR B 122 -12.75 -3.51 -1.37
CA THR B 122 -13.37 -3.72 -0.05
C THR B 122 -14.69 -4.46 -0.23
N LYS B 123 -14.90 -5.52 0.54
CA LYS B 123 -16.14 -6.28 0.46
C LYS B 123 -17.08 -5.93 1.62
N ASN B 124 -16.52 -5.82 2.81
CA ASN B 124 -17.33 -5.48 4.00
C ASN B 124 -17.46 -3.97 4.14
N LEU B 125 -18.47 -3.40 3.47
CA LEU B 125 -18.60 -1.96 3.36
C LEU B 125 -20.00 -1.55 3.78
N LEU B 126 -20.08 -0.56 4.66
CA LEU B 126 -21.35 0.07 5.03
C LEU B 126 -21.26 1.49 4.50
N GLU B 127 -22.13 1.81 3.54
CA GLU B 127 -22.18 3.14 2.97
C GLU B 127 -23.28 3.91 3.69
N ILE B 128 -22.90 4.61 4.74
CA ILE B 128 -23.92 5.18 5.64
C ILE B 128 -24.61 6.42 5.11
N HIS B 129 -24.03 7.07 4.09
CA HIS B 129 -24.65 8.26 3.47
C HIS B 129 -25.20 8.00 2.08
N GLY B 130 -25.28 6.71 1.67
CA GLY B 130 -25.82 6.35 0.35
C GLY B 130 -24.75 6.31 -0.72
N SER B 131 -25.13 6.59 -1.96
CA SER B 131 -24.19 6.40 -3.05
C SER B 131 -24.52 7.34 -4.16
N LEU B 132 -23.48 7.93 -4.73
CA LEU B 132 -23.57 8.80 -5.90
C LEU B 132 -24.17 8.07 -7.11
N PHE B 133 -24.08 6.75 -7.09
CA PHE B 133 -24.50 5.92 -8.22
C PHE B 133 -25.75 5.12 -7.93
N LYS B 134 -26.58 5.68 -7.05
CA LYS B 134 -27.92 5.15 -6.83
CA LYS B 134 -27.92 5.16 -6.81
C LYS B 134 -28.94 6.29 -6.89
N THR B 135 -30.14 5.94 -7.32
CA THR B 135 -31.26 6.87 -7.34
C THR B 135 -32.37 6.33 -6.45
N ARG B 136 -33.26 7.22 -6.02
CA ARG B 136 -34.50 6.82 -5.36
C ARG B 136 -35.64 7.62 -5.96
N CYS B 137 -36.71 6.92 -6.32
CA CYS B 137 -37.87 7.56 -6.89
C CYS B 137 -38.69 8.27 -5.81
N THR B 138 -38.96 9.56 -6.02
CA THR B 138 -39.70 10.35 -5.05
C THR B 138 -41.19 10.03 -5.07
N SER B 139 -41.61 9.24 -6.06
CA SER B 139 -42.99 8.78 -6.20
C SER B 139 -43.17 7.38 -5.64
N CYS B 140 -42.52 6.40 -6.26
CA CYS B 140 -42.72 4.99 -5.88
C CYS B 140 -41.76 4.50 -4.82
N GLY B 141 -40.71 5.27 -4.55
CA GLY B 141 -39.73 4.90 -3.51
C GLY B 141 -38.67 3.89 -3.88
N VAL B 142 -38.74 3.30 -5.08
CA VAL B 142 -37.76 2.30 -5.55
C VAL B 142 -36.33 2.87 -5.57
N VAL B 143 -35.38 2.08 -5.09
CA VAL B 143 -33.96 2.44 -5.14
C VAL B 143 -33.33 1.63 -6.27
N ALA B 144 -32.48 2.26 -7.07
CA ALA B 144 -31.85 1.58 -8.21
C ALA B 144 -30.40 2.01 -8.41
N GLU B 145 -29.56 1.09 -8.89
CA GLU B 145 -28.21 1.47 -9.31
C GLU B 145 -28.30 2.27 -10.59
N ASN B 146 -27.47 3.30 -10.69
CA ASN B 146 -27.39 4.08 -11.92
C ASN B 146 -25.99 4.65 -12.15
N TYR B 147 -25.29 4.11 -13.15
CA TYR B 147 -23.95 4.58 -13.50
C TYR B 147 -23.92 5.31 -14.83
N LYS B 148 -25.10 5.51 -15.40
CA LYS B 148 -25.25 6.06 -16.74
C LYS B 148 -24.62 7.44 -16.88
N SER B 149 -23.85 7.63 -17.96
CA SER B 149 -23.20 8.88 -18.24
C SER B 149 -23.67 9.44 -19.59
N PRO B 150 -24.51 10.51 -19.60
CA PRO B 150 -25.09 11.22 -18.46
C PRO B 150 -26.32 10.49 -17.92
N ILE B 151 -26.76 10.82 -16.70
CA ILE B 151 -27.92 10.14 -16.10
C ILE B 151 -29.19 10.34 -16.95
N CYS B 152 -29.33 11.53 -17.54
CA CYS B 152 -30.42 11.79 -18.47
C CYS B 152 -29.92 12.74 -19.53
N PRO B 153 -30.56 12.74 -20.71
CA PRO B 153 -30.10 13.61 -21.82
C PRO B 153 -30.01 15.11 -21.46
N ALA B 154 -31.00 15.63 -20.74
CA ALA B 154 -31.02 17.07 -20.47
C ALA B 154 -29.84 17.52 -19.61
N LEU B 155 -29.23 16.60 -18.85
CA LEU B 155 -28.04 16.93 -18.05
C LEU B 155 -26.70 16.76 -18.80
N SER B 156 -26.73 16.20 -20.01
CA SER B 156 -25.50 16.11 -20.79
C SER B 156 -24.85 17.49 -20.96
N GLY B 157 -23.59 17.62 -20.54
CA GLY B 157 -22.85 18.85 -20.76
C GLY B 157 -23.12 19.92 -19.72
N LYS B 158 -23.96 19.60 -18.73
CA LYS B 158 -24.30 20.53 -17.65
C LYS B 158 -23.44 20.25 -16.41
N GLY B 159 -23.54 21.13 -15.41
CA GLY B 159 -22.90 20.92 -14.12
C GLY B 159 -21.54 21.58 -13.91
N ALA B 160 -21.06 22.37 -14.87
CA ALA B 160 -19.75 23.05 -14.72
C ALA B 160 -19.68 23.78 -13.38
N PRO B 161 -18.56 23.60 -12.64
CA PRO B 161 -18.44 24.07 -11.25
C PRO B 161 -18.12 25.54 -11.04
N GLU B 162 -17.76 26.27 -12.09
CA GLU B 162 -17.28 27.65 -11.89
C GLU B 162 -18.37 28.61 -11.36
N PRO B 163 -18.03 29.46 -10.37
CA PRO B 163 -19.00 30.45 -9.90
C PRO B 163 -19.45 31.33 -11.06
N GLY B 164 -20.75 31.59 -11.15
CA GLY B 164 -21.27 32.40 -12.25
C GLY B 164 -21.71 31.61 -13.48
N THR B 165 -21.44 30.30 -13.48
CA THR B 165 -21.91 29.42 -14.55
C THR B 165 -23.43 29.50 -14.62
N GLN B 166 -23.97 29.46 -15.84
CA GLN B 166 -25.40 29.50 -16.08
C GLN B 166 -26.17 28.30 -15.50
N ASP B 167 -27.16 28.59 -14.65
CA ASP B 167 -28.20 27.63 -14.25
C ASP B 167 -28.74 26.91 -15.49
N ALA B 168 -28.67 25.58 -15.49
CA ALA B 168 -29.27 24.80 -16.57
C ALA B 168 -30.80 24.98 -16.64
N SER B 169 -31.44 25.17 -15.47
CA SER B 169 -32.89 25.39 -15.40
C SER B 169 -33.66 24.34 -16.23
N ILE B 170 -33.40 23.07 -15.95
CA ILE B 170 -34.03 21.95 -16.65
C ILE B 170 -35.46 21.79 -16.13
N PRO B 171 -36.45 21.74 -17.03
CA PRO B 171 -37.81 21.50 -16.48
C PRO B 171 -37.88 20.15 -15.75
N VAL B 172 -38.67 20.11 -14.69
CA VAL B 172 -38.71 18.95 -13.80
C VAL B 172 -39.03 17.66 -14.56
N GLU B 173 -39.77 17.78 -15.67
CA GLU B 173 -40.18 16.62 -16.47
C GLU B 173 -38.97 16.02 -17.19
N LYS B 174 -37.90 16.81 -17.34
CA LYS B 174 -36.73 16.40 -18.11
C LYS B 174 -35.56 16.01 -17.21
N LEU B 175 -35.78 16.11 -15.91
CA LEU B 175 -34.81 15.59 -14.93
C LEU B 175 -34.87 14.05 -14.89
N PRO B 176 -33.92 13.40 -14.20
CA PRO B 176 -34.01 11.93 -14.25
C PRO B 176 -35.36 11.42 -13.74
N ARG B 177 -35.96 10.50 -14.49
CA ARG B 177 -37.26 9.94 -14.14
C ARG B 177 -37.18 8.43 -13.95
N CYS B 178 -38.10 7.94 -13.12
CA CYS B 178 -38.17 6.55 -12.77
C CYS B 178 -38.53 5.68 -13.97
N GLU B 179 -37.74 4.64 -14.22
CA GLU B 179 -38.05 3.76 -15.36
C GLU B 179 -38.74 2.47 -14.98
N GLU B 180 -39.23 2.40 -13.75
CA GLU B 180 -40.15 1.32 -13.33
C GLU B 180 -41.39 1.39 -14.20
N ALA B 181 -41.81 0.24 -14.72
CA ALA B 181 -43.01 0.19 -15.55
C ALA B 181 -44.15 0.91 -14.83
N GLY B 182 -44.76 1.88 -15.51
CA GLY B 182 -45.93 2.58 -14.99
C GLY B 182 -45.65 3.66 -13.96
N CYS B 183 -44.38 4.02 -13.75
CA CYS B 183 -44.09 5.12 -12.82
C CYS B 183 -43.68 6.43 -13.49
N GLY B 184 -42.41 6.58 -13.85
CA GLY B 184 -41.92 7.83 -14.44
C GLY B 184 -41.88 9.01 -13.46
N GLY B 185 -41.85 8.73 -12.17
CA GLY B 185 -41.75 9.78 -11.15
C GLY B 185 -40.36 10.41 -11.14
N LEU B 186 -40.24 11.57 -10.49
CA LEU B 186 -38.96 12.27 -10.39
C LEU B 186 -37.97 11.55 -9.45
N LEU B 187 -36.77 11.29 -9.95
CA LEU B 187 -35.74 10.62 -9.13
C LEU B 187 -34.97 11.66 -8.36
N ARG B 188 -34.47 11.28 -7.18
CA ARG B 188 -33.44 12.04 -6.46
C ARG B 188 -32.23 11.11 -6.30
N PRO B 189 -31.05 11.68 -6.02
CA PRO B 189 -29.93 10.83 -5.63
C PRO B 189 -30.29 10.06 -4.37
N HIS B 190 -29.85 8.81 -4.29
CA HIS B 190 -30.04 8.02 -3.07
C HIS B 190 -28.90 8.29 -2.14
N VAL B 191 -28.92 9.50 -1.58
CA VAL B 191 -27.84 10.06 -0.77
C VAL B 191 -28.51 10.65 0.47
N VAL B 192 -27.94 10.42 1.64
CA VAL B 192 -28.49 10.99 2.87
C VAL B 192 -28.17 12.48 2.96
N TRP B 193 -29.22 13.29 3.03
CA TRP B 193 -29.05 14.74 3.13
C TRP B 193 -29.22 15.29 4.53
N PHE B 194 -28.78 16.53 4.73
CA PHE B 194 -28.93 17.17 6.02
C PHE B 194 -30.37 17.23 6.48
N GLY B 195 -30.58 16.83 7.74
CA GLY B 195 -31.91 16.78 8.34
C GLY B 195 -32.64 15.49 8.04
N GLU B 196 -32.02 14.60 7.27
CA GLU B 196 -32.67 13.31 6.96
C GLU B 196 -32.08 12.21 7.84
N ASN B 197 -32.90 11.21 8.18
CA ASN B 197 -32.43 10.10 9.02
C ASN B 197 -31.53 9.19 8.20
N LEU B 198 -30.40 8.77 8.77
CA LEU B 198 -29.67 7.66 8.16
C LEU B 198 -30.55 6.41 8.26
N ASP B 199 -30.27 5.40 7.42
CA ASP B 199 -31.10 4.22 7.35
C ASP B 199 -31.04 3.48 8.70
N PRO B 200 -32.21 3.17 9.26
CA PRO B 200 -32.17 2.59 10.61
C PRO B 200 -31.54 1.20 10.64
N ALA B 201 -31.69 0.42 9.56
CA ALA B 201 -31.05 -0.90 9.51
C ALA B 201 -29.51 -0.78 9.46
N ILE B 202 -29.02 0.14 8.63
CA ILE B 202 -27.59 0.44 8.59
C ILE B 202 -27.06 0.90 9.97
N LEU B 203 -27.80 1.77 10.63
CA LEU B 203 -27.36 2.25 11.95
C LEU B 203 -27.29 1.11 12.97
N GLU B 204 -28.23 0.17 12.92
CA GLU B 204 -28.21 -0.97 13.84
C GLU B 204 -27.00 -1.84 13.54
N GLU B 205 -26.68 -1.97 12.25
CA GLU B 205 -25.51 -2.74 11.84
C GLU B 205 -24.25 -2.01 12.29
N VAL B 206 -24.17 -0.70 12.08
CA VAL B 206 -23.04 0.08 12.64
C VAL B 206 -22.86 -0.22 14.14
N ASP B 207 -23.95 -0.13 14.88
CA ASP B 207 -23.89 -0.40 16.31
C ASP B 207 -23.27 -1.75 16.63
N ARG B 208 -23.68 -2.82 15.93
CA ARG B 208 -23.10 -4.15 16.13
C ARG B 208 -21.59 -4.17 15.89
N GLU B 209 -21.14 -3.54 14.81
CA GLU B 209 -19.71 -3.52 14.49
C GLU B 209 -18.92 -2.75 15.51
N LEU B 210 -19.45 -1.60 15.93
CA LEU B 210 -18.76 -0.75 16.89
C LEU B 210 -18.70 -1.49 18.22
N ALA B 211 -19.74 -2.26 18.54
CA ALA B 211 -19.78 -2.95 19.86
C ALA B 211 -18.80 -4.11 19.92
N HIS B 212 -18.50 -4.68 18.76
CA HIS B 212 -17.68 -5.90 18.74
C HIS B 212 -16.23 -5.72 18.36
N CYS B 213 -15.89 -4.56 17.81
CA CYS B 213 -14.51 -4.34 17.38
C CYS B 213 -13.53 -4.26 18.57
N ASP B 214 -12.27 -4.59 18.32
CA ASP B 214 -11.25 -4.46 19.32
C ASP B 214 -10.14 -3.51 18.88
N LEU B 215 -10.36 -2.88 17.72
CA LEU B 215 -9.48 -1.84 17.20
C LEU B 215 -10.28 -1.04 16.18
N CYS B 216 -10.12 0.28 16.20
CA CYS B 216 -10.84 1.18 15.28
C CYS B 216 -9.90 2.21 14.66
N LEU B 217 -10.05 2.44 13.35
CA LEU B 217 -9.30 3.49 12.68
C LEU B 217 -10.33 4.49 12.21
N VAL B 218 -9.98 5.77 12.28
CA VAL B 218 -10.88 6.81 11.80
C VAL B 218 -10.09 7.71 10.85
N VAL B 219 -10.48 7.64 9.58
CA VAL B 219 -9.59 8.03 8.48
C VAL B 219 -10.25 9.10 7.65
N GLY B 220 -9.62 10.26 7.55
CA GLY B 220 -9.96 11.26 6.54
C GLY B 220 -11.34 11.84 6.77
N THR B 221 -11.75 11.92 8.02
CA THR B 221 -13.02 12.62 8.31
C THR B 221 -12.80 13.78 9.28
N SER B 222 -13.57 14.85 9.09
CA SER B 222 -13.43 16.07 9.90
C SER B 222 -14.09 15.89 11.27
N SER B 223 -14.86 14.81 11.41
CA SER B 223 -15.55 14.47 12.65
C SER B 223 -16.41 15.63 13.16
N VAL B 224 -17.07 16.32 12.22
CA VAL B 224 -18.04 17.36 12.59
C VAL B 224 -19.48 17.02 12.17
N VAL B 225 -19.66 16.04 11.29
CA VAL B 225 -21.01 15.62 10.87
C VAL B 225 -21.51 14.43 11.66
N TYR B 226 -22.70 14.59 12.22
CA TYR B 226 -23.31 13.59 13.08
C TYR B 226 -24.37 12.82 12.28
N PRO B 227 -24.68 11.58 12.68
CA PRO B 227 -24.17 10.82 13.87
C PRO B 227 -22.78 10.16 13.69
N ALA B 228 -22.22 10.23 12.48
CA ALA B 228 -20.98 9.52 12.17
C ALA B 228 -19.82 9.94 13.06
N ALA B 229 -19.79 11.22 13.43
CA ALA B 229 -18.70 11.81 14.22
C ALA B 229 -18.69 11.20 15.61
N MET B 230 -19.78 10.58 16.04
CA MET B 230 -19.79 9.98 17.37
CA MET B 230 -19.81 9.97 17.37
C MET B 230 -19.40 8.50 17.40
N PHE B 231 -19.23 7.88 16.23
CA PHE B 231 -18.94 6.44 16.18
C PHE B 231 -17.63 6.08 16.84
N ALA B 232 -16.54 6.71 16.38
CA ALA B 232 -15.20 6.41 16.92
C ALA B 232 -15.09 6.79 18.41
N PRO B 233 -15.60 7.98 18.81
CA PRO B 233 -15.60 8.29 20.23
C PRO B 233 -16.32 7.26 21.09
N GLN B 234 -17.42 6.69 20.59
CA GLN B 234 -18.13 5.63 21.30
C GLN B 234 -17.23 4.44 21.55
N VAL B 235 -16.43 4.08 20.55
CA VAL B 235 -15.49 2.96 20.65
C VAL B 235 -14.38 3.27 21.67
N ALA B 236 -13.82 4.47 21.60
CA ALA B 236 -12.82 4.94 22.56
C ALA B 236 -13.35 4.97 24.00
N ALA B 237 -14.59 5.41 24.18
CA ALA B 237 -15.20 5.51 25.52
C ALA B 237 -15.41 4.15 26.20
N ARG B 238 -15.35 3.09 25.40
CA ARG B 238 -15.41 1.70 25.85
C ARG B 238 -14.01 1.17 26.23
N GLY B 239 -12.97 1.98 26.06
CA GLY B 239 -11.58 1.52 26.31
C GLY B 239 -10.85 0.84 25.15
N VAL B 240 -11.44 0.86 23.95
CA VAL B 240 -10.82 0.24 22.78
C VAL B 240 -9.91 1.28 22.08
N PRO B 241 -8.70 0.88 21.63
CA PRO B 241 -7.83 1.88 20.98
C PRO B 241 -8.40 2.34 19.66
N VAL B 242 -8.43 3.65 19.49
CA VAL B 242 -8.83 4.24 18.22
C VAL B 242 -7.65 5.00 17.65
N ALA B 243 -7.35 4.80 16.36
CA ALA B 243 -6.28 5.54 15.67
C ALA B 243 -6.85 6.43 14.58
N GLU B 244 -6.59 7.73 14.67
CA GLU B 244 -7.03 8.70 13.67
C GLU B 244 -5.93 8.95 12.64
N PHE B 245 -6.31 8.94 11.38
CA PHE B 245 -5.40 9.18 10.25
C PHE B 245 -5.98 10.38 9.53
N ASN B 246 -5.31 11.52 9.66
CA ASN B 246 -5.83 12.75 9.11
C ASN B 246 -4.65 13.68 8.83
N THR B 247 -4.83 14.60 7.90
CA THR B 247 -3.83 15.60 7.62
C THR B 247 -3.78 16.70 8.69
N GLU B 248 -4.81 16.77 9.51
CA GLU B 248 -4.86 17.76 10.59
C GLU B 248 -5.62 17.20 11.78
N THR B 249 -5.59 17.91 12.89
CA THR B 249 -6.32 17.49 14.07
C THR B 249 -7.79 17.89 13.93
N THR B 250 -8.67 17.22 14.67
CA THR B 250 -10.12 17.46 14.58
C THR B 250 -10.70 17.61 15.99
N PRO B 251 -12.00 17.98 16.09
CA PRO B 251 -12.58 18.07 17.42
C PRO B 251 -12.59 16.75 18.17
N ALA B 252 -12.37 15.62 17.49
CA ALA B 252 -12.44 14.32 18.17
C ALA B 252 -11.06 13.78 18.54
N THR B 253 -10.01 14.36 17.94
CA THR B 253 -8.63 13.84 18.05
C THR B 253 -8.27 13.43 19.47
N ASN B 254 -8.48 14.33 20.41
CA ASN B 254 -7.96 14.10 21.76
C ASN B 254 -8.75 13.06 22.59
N ARG B 255 -9.82 12.52 22.01
CA ARG B 255 -10.50 11.36 22.56
C ARG B 255 -9.83 10.01 22.21
N PHE B 256 -8.85 10.03 21.31
CA PHE B 256 -8.38 8.80 20.68
C PHE B 256 -7.02 8.36 21.23
N ARG B 257 -6.67 7.09 21.00
CA ARG B 257 -5.38 6.54 21.47
C ARG B 257 -4.20 6.99 20.59
N PHE B 258 -4.46 7.16 19.29
CA PHE B 258 -3.41 7.47 18.31
C PHE B 258 -3.91 8.52 17.36
N HIS B 259 -2.99 9.40 16.97
CA HIS B 259 -3.19 10.33 15.85
C HIS B 259 -1.97 10.29 14.97
N PHE B 260 -2.17 9.86 13.72
CA PHE B 260 -1.10 9.80 12.72
C PHE B 260 -1.34 10.86 11.68
N GLN B 261 -0.57 11.94 11.79
CA GLN B 261 -0.80 13.11 10.98
C GLN B 261 -0.09 12.98 9.64
N GLY B 262 -0.83 13.24 8.58
CA GLY B 262 -0.29 13.29 7.24
C GLY B 262 -1.29 12.72 6.27
N PRO B 263 -0.95 12.72 4.96
CA PRO B 263 -1.85 12.14 3.97
C PRO B 263 -2.01 10.64 4.21
N CYS B 264 -3.25 10.15 4.26
CA CYS B 264 -3.49 8.73 4.60
C CYS B 264 -3.04 7.75 3.51
N GLY B 265 -2.82 8.24 2.28
CA GLY B 265 -2.20 7.40 1.25
C GLY B 265 -0.77 7.04 1.60
N THR B 266 -0.16 7.79 2.52
CA THR B 266 1.18 7.47 3.04
C THR B 266 1.09 6.66 4.33
N THR B 267 0.28 7.15 5.27
CA THR B 267 0.24 6.57 6.62
C THR B 267 -0.51 5.24 6.69
N LEU B 268 -1.56 5.06 5.89
CA LEU B 268 -2.30 3.79 5.93
C LEU B 268 -1.50 2.59 5.40
N PRO B 269 -0.82 2.74 4.24
CA PRO B 269 -0.05 1.56 3.81
C PRO B 269 0.99 1.13 4.87
N GLU B 270 1.64 2.09 5.53
CA GLU B 270 2.58 1.76 6.61
C GLU B 270 1.86 1.08 7.78
N ALA B 271 0.76 1.69 8.23
CA ALA B 271 0.08 1.17 9.43
C ALA B 271 -0.47 -0.23 9.23
N LEU B 272 -0.94 -0.51 8.00
CA LEU B 272 -1.64 -1.76 7.66
C LEU B 272 -0.81 -2.82 6.93
N ALA B 273 0.50 -2.59 6.81
CA ALA B 273 1.43 -3.53 6.18
C ALA B 273 1.46 -4.85 6.94
N THR C 3 30.44 -10.89 -17.71
CA THR C 3 29.10 -10.23 -17.59
C THR C 3 28.29 -10.89 -16.49
N ALA C 4 28.48 -12.19 -16.29
CA ALA C 4 27.71 -12.93 -15.28
C ALA C 4 28.28 -12.81 -13.86
N ARG C 5 29.49 -12.28 -13.71
CA ARG C 5 30.16 -12.10 -12.42
C ARG C 5 29.57 -10.93 -11.64
N LYS C 6 29.31 -11.14 -10.34
CA LYS C 6 28.92 -10.05 -9.45
C LYS C 6 30.13 -9.15 -9.28
N SER C 7 29.96 -7.87 -9.60
CA SER C 7 31.07 -6.94 -9.50
C SER C 7 30.61 -5.51 -9.35
N THR C 8 31.57 -4.66 -9.02
CA THR C 8 31.34 -3.23 -8.89
C THR C 8 32.58 -2.62 -9.51
N GLY C 9 32.48 -2.02 -10.70
CA GLY C 9 31.23 -1.85 -11.42
C GLY C 9 30.85 -0.38 -11.44
N THR D 3 -29.14 12.19 17.70
CA THR D 3 -30.21 11.52 16.91
C THR D 3 -29.64 10.74 15.73
N ALA D 4 -30.53 10.16 14.92
CA ALA D 4 -30.17 9.45 13.71
C ALA D 4 -30.07 10.34 12.44
N ARG D 5 -30.31 11.65 12.58
CA ARG D 5 -30.43 12.53 11.40
C ARG D 5 -29.09 13.16 11.08
N LYS D 6 -28.80 13.29 9.79
CA LYS D 6 -27.53 13.90 9.40
C LYS D 6 -27.53 15.36 9.83
N SER D 7 -26.53 15.75 10.60
CA SER D 7 -26.48 17.14 11.06
C SER D 7 -25.07 17.59 11.37
N THR D 8 -24.88 18.90 11.43
CA THR D 8 -23.61 19.49 11.80
C THR D 8 -23.95 20.53 12.82
N GLY D 9 -23.77 20.23 14.11
CA GLY D 9 -23.36 18.93 14.58
C GLY D 9 -24.32 18.39 15.62
#